data_8V9G
#
_entry.id   8V9G
#
_cell.length_a   76.829
_cell.length_b   80.581
_cell.length_c   87.327
_cell.angle_alpha   90.00
_cell.angle_beta   90.00
_cell.angle_gamma   90.00
#
_symmetry.space_group_name_H-M   'P 21 21 21'
#
loop_
_entity.id
_entity.type
_entity.pdbx_description
1 polymer beta-lactamase
2 non-polymer '(4R,5S)-3-{[(3S,5S)-5-(dimethylcarbamoyl)pyrrolidin-3-yl]sulfanyl}-5-[(2S,3R)-3-hydroxy-1-oxobutan-2-yl]-4-methyl-4,5-d ihydro-1H-pyrrole-2-carboxylic acid'
3 non-polymer 1,2-ETHANEDIOL
4 non-polymer 'IODIDE ION'
5 non-polymer 'MAGNESIUM ION'
6 water water
#
_entity_poly.entity_id   1
_entity_poly.type   'polypeptide(L)'
_entity_poly.pdbx_seq_one_letter_code
;MRFIHALLLAGIAHSAYASEKLTFKTDLEKLEREKAAQIGVAIVDPQGEIVAGHRMAQRFAMCSTFKFPLAALVFERIDS
GTERGDRKLSYGPDMIVEWSPATERFLASGHMTVLEAAQAAVQLSDNGATNLLLREIGGPAAMTQYFRKIGDSVSRLDRK
EPEMSDNTPGDLRDTTTPIAMARTVAKVLYGGALTSTSTHTIERWLIGNQTGDATLRAGFPKDWVVGEKTGTCANGGRND
IGFFKAQERDYAVAVYTTAPKLSAVERDELVASVGQVITQLILS
;
_entity_poly.pdbx_strand_id   A,B
#
loop_
_chem_comp.id
_chem_comp.type
_chem_comp.name
_chem_comp.formula
EDO non-polymer 1,2-ETHANEDIOL 'C2 H6 O2'
IOD non-polymer 'IODIDE ION' 'I -1'
MER non-polymer '(4R,5S)-3-{[(3S,5S)-5-(dimethylcarbamoyl)pyrrolidin-3-yl]sulfanyl}-5-[(2S,3R)-3-hydroxy-1-oxobutan-2-yl]-4-methyl-4,5-d ihydro-1H-pyrrole-2-carboxylic acid' 'C17 H27 N3 O5 S'
MG non-polymer 'MAGNESIUM ION' 'Mg 2'
#
# COMPACT_ATOMS: atom_id res chain seq x y z
N GLU A 20 3.62 -11.37 -38.17
CA GLU A 20 3.23 -11.00 -36.80
C GLU A 20 3.81 -9.64 -36.45
N LYS A 21 5.05 -9.40 -36.87
CA LYS A 21 5.69 -8.14 -36.52
C LYS A 21 5.18 -6.99 -37.37
N LEU A 22 4.76 -7.23 -38.61
CA LEU A 22 4.15 -6.15 -39.39
C LEU A 22 2.82 -5.72 -38.79
N THR A 23 1.99 -6.68 -38.34
CA THR A 23 0.73 -6.32 -37.71
C THR A 23 0.97 -5.50 -36.43
N PHE A 24 1.95 -5.93 -35.63
CA PHE A 24 2.37 -5.17 -34.45
C PHE A 24 2.68 -3.72 -34.80
N LYS A 25 3.50 -3.52 -35.84
CA LYS A 25 3.90 -2.16 -36.19
C LYS A 25 2.71 -1.37 -36.73
N THR A 26 1.90 -1.99 -37.60
CA THR A 26 0.75 -1.33 -38.16
C THR A 26 -0.26 -0.93 -37.09
N ASP A 27 -0.49 -1.84 -36.12
CA ASP A 27 -1.47 -1.57 -35.08
C ASP A 27 -1.02 -0.44 -34.17
N LEU A 28 0.29 -0.38 -33.84
CA LEU A 28 0.77 0.74 -33.04
C LEU A 28 0.70 2.04 -33.83
N GLU A 29 1.00 1.99 -35.13
CA GLU A 29 0.95 3.19 -35.94
C GLU A 29 -0.46 3.77 -36.01
N LYS A 30 -1.47 2.89 -36.04
CA LYS A 30 -2.86 3.31 -36.02
C LYS A 30 -3.20 4.03 -34.71
N LEU A 31 -2.77 3.48 -33.58
CA LEU A 31 -2.95 4.16 -32.30
C LEU A 31 -2.29 5.54 -32.31
N GLU A 32 -1.04 5.61 -32.77
CA GLU A 32 -0.34 6.89 -32.88
C GLU A 32 -1.12 7.88 -33.73
N ARG A 33 -1.58 7.44 -34.90
CA ARG A 33 -2.29 8.33 -35.81
C ARG A 33 -3.58 8.84 -35.19
N GLU A 34 -4.41 7.93 -34.68
CA GLU A 34 -5.72 8.34 -34.20
C GLU A 34 -5.68 9.02 -32.85
N LYS A 35 -4.66 8.78 -32.04
CA LYS A 35 -4.59 9.39 -30.73
C LYS A 35 -3.66 10.61 -30.70
N ALA A 36 -3.01 10.93 -31.82
CA ALA A 36 -1.99 11.98 -31.90
C ALA A 36 -0.90 11.72 -30.86
N ALA A 37 -0.37 10.49 -30.90
CA ALA A 37 0.53 10.01 -29.85
C ALA A 37 1.81 9.47 -30.45
N GLN A 38 2.84 9.40 -29.62
CA GLN A 38 4.05 8.66 -29.92
C GLN A 38 4.14 7.50 -28.94
N ILE A 39 4.43 6.30 -29.44
CA ILE A 39 4.46 5.10 -28.63
C ILE A 39 5.80 4.41 -28.83
N GLY A 40 6.57 4.29 -27.74
CA GLY A 40 7.81 3.54 -27.76
C GLY A 40 7.65 2.26 -26.96
N VAL A 41 8.02 1.15 -27.59
CA VAL A 41 7.85 -0.18 -27.01
C VAL A 41 9.10 -0.99 -27.27
N ALA A 42 9.52 -1.76 -26.27
CA ALA A 42 10.49 -2.83 -26.46
C ALA A 42 10.11 -4.02 -25.59
N ILE A 43 10.10 -5.20 -26.20
CA ILE A 43 9.94 -6.47 -25.49
C ILE A 43 11.21 -7.28 -25.70
N VAL A 44 11.80 -7.76 -24.61
CA VAL A 44 12.99 -8.60 -24.71
C VAL A 44 12.78 -9.89 -23.93
N ASP A 45 13.57 -10.91 -24.29
CA ASP A 45 13.56 -12.18 -23.56
C ASP A 45 14.48 -12.01 -22.34
N PRO A 46 14.59 -13.04 -21.49
CA PRO A 46 15.41 -12.88 -20.27
C PRO A 46 16.88 -12.56 -20.55
N GLN A 47 17.39 -12.89 -21.72
CA GLN A 47 18.78 -12.58 -22.09
C GLN A 47 18.92 -11.18 -22.65
N GLY A 48 17.82 -10.46 -22.83
CA GLY A 48 17.86 -9.15 -23.45
C GLY A 48 17.72 -9.17 -24.96
N GLU A 49 17.45 -10.32 -25.56
CA GLU A 49 17.30 -10.38 -27.01
C GLU A 49 15.93 -9.84 -27.41
N ILE A 50 15.89 -9.14 -28.54
CA ILE A 50 14.69 -8.39 -28.92
C ILE A 50 13.62 -9.33 -29.44
N VAL A 51 12.43 -9.22 -28.87
CA VAL A 51 11.23 -9.91 -29.36
C VAL A 51 10.46 -9.04 -30.33
N ALA A 52 10.17 -7.80 -29.94
CA ALA A 52 9.50 -6.83 -30.81
C ALA A 52 9.77 -5.43 -30.29
N GLY A 53 9.56 -4.43 -31.14
CA GLY A 53 9.81 -3.07 -30.70
C GLY A 53 9.24 -2.05 -31.66
N HIS A 54 9.12 -0.83 -31.15
CA HIS A 54 8.58 0.29 -31.90
C HIS A 54 9.18 1.57 -31.33
N ARG A 55 9.77 2.39 -32.20
CA ARG A 55 10.54 3.56 -31.74
C ARG A 55 11.47 3.18 -30.60
N MET A 56 12.12 2.04 -30.74
CA MET A 56 12.70 1.37 -29.58
C MET A 56 13.96 2.06 -29.08
N ALA A 57 14.64 2.84 -29.93
CA ALA A 57 15.81 3.61 -29.51
C ALA A 57 15.55 5.12 -29.52
N GLN A 58 14.30 5.54 -29.55
CA GLN A 58 13.95 6.94 -29.34
C GLN A 58 13.93 7.24 -27.84
N ARG A 59 14.43 8.41 -27.47
CA ARG A 59 14.48 8.80 -26.06
C ARG A 59 13.12 9.29 -25.60
N PHE A 60 12.72 8.84 -24.40
CA PHE A 60 11.51 9.26 -23.73
C PHE A 60 11.87 9.61 -22.29
N ALA A 61 11.14 10.56 -21.71
CA ALA A 61 11.27 10.83 -20.29
C ALA A 61 10.90 9.60 -19.46
N MET A 62 11.77 9.25 -18.49
CA MET A 62 11.52 8.10 -17.62
C MET A 62 10.37 8.35 -16.67
N CYS A 63 10.27 9.57 -16.16
CA CYS A 63 9.39 9.95 -15.05
CA CYS A 63 9.29 9.89 -15.13
C CYS A 63 9.41 8.85 -14.01
N SER A 64 8.27 8.47 -13.40
CA SER A 64 8.37 7.60 -12.23
C SER A 64 8.87 6.19 -12.52
N THR A 65 9.03 5.78 -13.79
CA THR A 65 9.49 4.41 -14.01
C THR A 65 10.87 4.16 -13.45
N PHE A 66 11.69 5.20 -13.24
CA PHE A 66 13.04 4.98 -12.70
C PHE A 66 13.02 4.48 -11.26
N LYS A 67 11.88 4.58 -10.57
CA LYS A 67 11.81 4.15 -9.19
C LYS A 67 12.01 2.65 -9.06
N PHE A 68 11.75 1.90 -10.13
CA PHE A 68 12.05 0.47 -10.08
C PHE A 68 13.56 0.22 -10.12
N PRO A 69 14.32 0.76 -11.07
CA PRO A 69 15.79 0.70 -10.93
C PRO A 69 16.34 1.27 -9.63
N LEU A 70 15.71 2.32 -9.09
CA LEU A 70 16.16 2.85 -7.80
C LEU A 70 16.04 1.79 -6.70
N ALA A 71 14.92 1.09 -6.67
CA ALA A 71 14.78 0.02 -5.67
C ALA A 71 15.80 -1.08 -5.89
N ALA A 72 16.10 -1.39 -7.16
CA ALA A 72 17.14 -2.38 -7.42
C ALA A 72 18.49 -1.90 -6.87
N LEU A 73 18.81 -0.62 -7.07
CA LEU A 73 20.04 -0.06 -6.50
C LEU A 73 20.07 -0.27 -5.00
N VAL A 74 18.97 0.07 -4.33
CA VAL A 74 18.86 -0.10 -2.88
C VAL A 74 19.08 -1.56 -2.49
N PHE A 75 18.41 -2.48 -3.21
CA PHE A 75 18.54 -3.90 -2.93
C PHE A 75 19.99 -4.35 -3.09
N GLU A 76 20.69 -3.84 -4.11
CA GLU A 76 22.09 -4.19 -4.28
C GLU A 76 22.93 -3.74 -3.09
N ARG A 77 22.68 -2.53 -2.56
CA ARG A 77 23.48 -2.07 -1.42
C ARG A 77 23.19 -2.90 -0.17
N ILE A 78 21.92 -3.31 0.02
CA ILE A 78 21.61 -4.24 1.11
C ILE A 78 22.30 -5.58 0.87
N ASP A 79 22.17 -6.11 -0.35
CA ASP A 79 22.87 -7.34 -0.74
C ASP A 79 24.35 -7.28 -0.38
N SER A 80 24.98 -6.12 -0.59
CA SER A 80 26.42 -5.98 -0.44
C SER A 80 26.85 -5.63 0.97
N GLY A 81 25.91 -5.35 1.87
CA GLY A 81 26.26 -4.94 3.23
C GLY A 81 26.59 -3.47 3.37
N THR A 82 26.37 -2.69 2.32
CA THR A 82 26.57 -1.25 2.32
C THR A 82 25.36 -0.50 2.87
N GLU A 83 24.21 -1.17 2.96
CA GLU A 83 22.99 -0.58 3.49
C GLU A 83 22.29 -1.62 4.35
N ARG A 84 21.42 -1.17 5.26
CA ARG A 84 20.56 -2.06 6.03
C ARG A 84 19.11 -1.68 5.76
N GLY A 85 18.29 -2.68 5.45
CA GLY A 85 16.91 -2.43 5.08
C GLY A 85 16.10 -1.71 6.14
N ASP A 86 16.43 -1.91 7.42
CA ASP A 86 15.66 -1.30 8.50
C ASP A 86 16.26 0.00 9.01
N ARG A 87 17.26 0.56 8.32
CA ARG A 87 17.86 1.81 8.77
C ARG A 87 16.84 2.94 8.67
N LYS A 88 16.77 3.75 9.73
CA LYS A 88 15.77 4.80 9.84
C LYS A 88 16.29 6.07 9.17
N LEU A 89 15.50 6.58 8.22
CA LEU A 89 15.84 7.78 7.45
C LEU A 89 14.95 8.92 7.95
N SER A 90 15.54 9.85 8.70
CA SER A 90 14.78 10.95 9.28
C SER A 90 14.52 12.05 8.28
N TYR A 91 13.39 12.73 8.48
CA TYR A 91 13.05 13.85 7.61
C TYR A 91 12.04 14.75 8.30
N GLY A 92 11.88 15.94 7.72
CA GLY A 92 10.88 16.89 8.12
C GLY A 92 9.91 17.18 7.00
N PRO A 93 9.01 18.13 7.23
CA PRO A 93 7.98 18.45 6.22
C PRO A 93 8.56 18.94 4.91
N ASP A 94 9.81 19.40 4.90
CA ASP A 94 10.42 19.86 3.67
C ASP A 94 10.48 18.75 2.63
N MET A 95 10.41 17.50 3.07
CA MET A 95 10.52 16.39 2.13
CA MET A 95 10.49 16.32 2.21
C MET A 95 9.18 16.03 1.49
N ILE A 96 8.07 16.60 1.94
CA ILE A 96 6.77 16.35 1.33
C ILE A 96 6.69 17.16 0.05
N VAL A 97 6.50 16.48 -1.08
CA VAL A 97 6.25 17.10 -2.36
C VAL A 97 4.97 16.49 -2.93
N GLU A 98 4.56 16.95 -4.11
CA GLU A 98 3.30 16.43 -4.64
C GLU A 98 3.33 14.91 -4.72
N TRP A 99 2.20 14.30 -4.35
CA TRP A 99 1.99 12.85 -4.36
C TRP A 99 3.05 12.13 -3.51
N SER A 100 2.93 12.32 -2.20
CA SER A 100 3.81 11.68 -1.21
C SER A 100 2.97 11.06 -0.10
N PRO A 101 2.09 10.10 -0.43
CA PRO A 101 1.08 9.67 0.54
C PRO A 101 1.65 8.93 1.75
N ALA A 102 2.59 8.01 1.53
CA ALA A 102 3.22 7.32 2.66
C ALA A 102 4.13 8.26 3.45
N THR A 103 4.93 9.07 2.74
CA THR A 103 5.80 10.04 3.41
C THR A 103 5.00 10.93 4.35
N GLU A 104 3.83 11.38 3.89
CA GLU A 104 2.98 12.22 4.72
C GLU A 104 2.46 11.46 5.93
N ARG A 105 2.11 10.17 5.75
CA ARG A 105 1.61 9.39 6.88
C ARG A 105 2.69 9.14 7.93
N PHE A 106 3.93 8.93 7.51
CA PHE A 106 5.01 8.68 8.46
C PHE A 106 5.69 9.95 8.99
N LEU A 107 5.27 11.13 8.52
CA LEU A 107 5.93 12.37 8.88
C LEU A 107 5.99 12.59 10.40
N ALA A 108 4.86 12.41 11.10
CA ALA A 108 4.86 12.67 12.54
C ALA A 108 5.85 11.75 13.27
N SER A 109 5.98 10.50 12.82
CA SER A 109 6.91 9.56 13.43
C SER A 109 8.35 10.00 13.24
N GLY A 110 8.62 10.73 12.16
CA GLY A 110 9.91 11.34 11.94
C GLY A 110 10.84 10.60 11.01
N HIS A 111 10.46 9.40 10.54
CA HIS A 111 11.32 8.62 9.63
C HIS A 111 10.49 7.63 8.82
N MET A 112 11.09 7.17 7.72
CA MET A 112 10.78 5.83 7.18
C MET A 112 12.08 5.06 7.02
N THR A 113 11.98 3.73 7.11
CA THR A 113 13.15 2.91 6.88
C THR A 113 13.47 2.89 5.38
N VAL A 114 14.70 2.45 5.09
CA VAL A 114 15.12 2.30 3.70
C VAL A 114 14.12 1.46 2.92
N LEU A 115 13.70 0.34 3.51
CA LEU A 115 12.79 -0.58 2.82
C LEU A 115 11.36 -0.05 2.76
N GLU A 116 10.87 0.59 3.84
CA GLU A 116 9.58 1.26 3.75
C GLU A 116 9.55 2.28 2.63
N ALA A 117 10.61 3.10 2.54
CA ALA A 117 10.67 4.12 1.50
C ALA A 117 10.72 3.48 0.11
N ALA A 118 11.53 2.43 -0.06
CA ALA A 118 11.62 1.78 -1.36
C ALA A 118 10.28 1.16 -1.76
N GLN A 119 9.59 0.50 -0.82
CA GLN A 119 8.33 -0.11 -1.18
C GLN A 119 7.28 0.95 -1.54
N ALA A 120 7.31 2.09 -0.83
CA ALA A 120 6.37 3.16 -1.15
C ALA A 120 6.68 3.74 -2.52
N ALA A 121 7.96 3.88 -2.84
CA ALA A 121 8.33 4.43 -4.14
C ALA A 121 7.88 3.52 -5.27
N VAL A 122 8.03 2.20 -5.10
CA VAL A 122 7.68 1.28 -6.18
C VAL A 122 6.17 1.11 -6.29
N GLN A 123 5.49 0.91 -5.16
CA GLN A 123 4.09 0.49 -5.17
C GLN A 123 3.10 1.62 -5.10
N LEU A 124 3.48 2.78 -4.55
CA LEU A 124 2.61 3.96 -4.56
C LEU A 124 3.13 5.07 -5.46
N SER A 125 4.34 4.92 -6.00
CA SER A 125 5.04 5.99 -6.72
C SER A 125 5.22 7.23 -5.83
N ASP A 126 5.43 7.01 -4.53
CA ASP A 126 5.58 8.09 -3.57
C ASP A 126 6.82 8.93 -3.90
N ASN A 127 6.61 10.22 -4.18
CA ASN A 127 7.72 11.08 -4.59
C ASN A 127 8.66 11.42 -3.43
N GLY A 128 8.09 11.73 -2.25
CA GLY A 128 8.93 12.04 -1.11
C GLY A 128 9.80 10.87 -0.70
N ALA A 129 9.25 9.66 -0.80
CA ALA A 129 10.02 8.46 -0.44
C ALA A 129 11.13 8.24 -1.44
N THR A 130 10.85 8.49 -2.72
CA THR A 130 11.89 8.44 -3.74
C THR A 130 13.00 9.42 -3.41
N ASN A 131 12.64 10.65 -3.05
CA ASN A 131 13.64 11.69 -2.80
C ASN A 131 14.42 11.40 -1.52
N LEU A 132 13.77 10.81 -0.52
CA LEU A 132 14.46 10.33 0.68
C LEU A 132 15.62 9.41 0.32
N LEU A 133 15.35 8.45 -0.56
CA LEU A 133 16.39 7.52 -1.00
C LEU A 133 17.44 8.23 -1.85
N LEU A 134 17.02 9.16 -2.71
CA LEU A 134 17.97 9.91 -3.52
C LEU A 134 18.92 10.73 -2.64
N ARG A 135 18.40 11.34 -1.57
CA ARG A 135 19.29 12.06 -0.65
C ARG A 135 20.36 11.13 -0.12
N GLU A 136 19.99 9.87 0.18
CA GLU A 136 20.88 8.95 0.86
C GLU A 136 22.02 8.52 -0.04
N ILE A 137 21.75 8.29 -1.33
CA ILE A 137 22.80 7.81 -2.22
C ILE A 137 23.62 8.95 -2.82
N GLY A 138 23.28 10.20 -2.52
CA GLY A 138 24.02 11.32 -3.06
C GLY A 138 23.42 11.91 -4.31
N GLY A 139 22.16 11.62 -4.61
CA GLY A 139 21.45 12.30 -5.65
C GLY A 139 21.49 11.61 -7.00
N PRO A 140 20.98 12.30 -8.01
CA PRO A 140 20.79 11.68 -9.34
C PRO A 140 22.04 11.08 -9.95
N ALA A 141 23.22 11.65 -9.72
CA ALA A 141 24.44 11.10 -10.32
C ALA A 141 24.67 9.66 -9.88
N ALA A 142 24.34 9.33 -8.63
CA ALA A 142 24.52 7.97 -8.15
C ALA A 142 23.55 7.00 -8.84
N MET A 143 22.34 7.46 -9.15
CA MET A 143 21.43 6.56 -9.84
C MET A 143 21.92 6.31 -11.27
N THR A 144 22.39 7.37 -11.95
CA THR A 144 22.97 7.17 -13.27
C THR A 144 24.16 6.22 -13.18
N GLN A 145 24.97 6.35 -12.14
CA GLN A 145 26.09 5.44 -11.92
C GLN A 145 25.62 3.99 -11.83
N TYR A 146 24.48 3.74 -11.17
CA TYR A 146 23.98 2.38 -11.08
C TYR A 146 23.58 1.85 -12.45
N PHE A 147 22.88 2.67 -13.25
CA PHE A 147 22.58 2.28 -14.62
C PHE A 147 23.85 1.82 -15.35
N ARG A 148 24.94 2.58 -15.21
CA ARG A 148 26.18 2.20 -15.88
C ARG A 148 26.71 0.88 -15.34
N LYS A 149 26.59 0.66 -14.02
CA LYS A 149 27.11 -0.57 -13.43
C LYS A 149 26.43 -1.81 -14.01
N ILE A 150 25.14 -1.72 -14.33
CA ILE A 150 24.44 -2.91 -14.81
C ILE A 150 24.44 -2.96 -16.34
N GLY A 151 25.26 -2.12 -16.97
CA GLY A 151 25.45 -2.20 -18.42
C GLY A 151 24.53 -1.33 -19.24
N ASP A 152 23.85 -0.36 -18.63
CA ASP A 152 22.94 0.54 -19.32
C ASP A 152 23.66 1.87 -19.51
N SER A 153 24.07 2.14 -20.75
CA SER A 153 24.79 3.37 -21.09
C SER A 153 23.86 4.49 -21.55
N VAL A 154 22.54 4.28 -21.51
CA VAL A 154 21.58 5.20 -22.09
C VAL A 154 20.76 5.93 -21.02
N SER A 155 20.15 5.19 -20.11
CA SER A 155 19.30 5.80 -19.09
C SER A 155 20.08 6.77 -18.21
N ARG A 156 19.46 7.89 -17.88
CA ARG A 156 20.15 8.91 -17.10
C ARG A 156 19.16 9.62 -16.18
N LEU A 157 19.52 9.77 -14.90
CA LEU A 157 18.77 10.60 -13.96
C LEU A 157 19.57 11.87 -13.69
N ASP A 158 18.92 13.01 -13.84
CA ASP A 158 19.54 14.30 -13.65
C ASP A 158 18.94 15.10 -12.49
N ARG A 159 17.69 14.86 -12.13
CA ARG A 159 16.98 15.68 -11.17
C ARG A 159 16.15 14.79 -10.24
N LYS A 160 15.80 15.34 -9.08
CA LYS A 160 14.87 14.65 -8.19
C LYS A 160 13.43 14.91 -8.63
N GLU A 161 12.48 14.29 -7.89
CA GLU A 161 11.05 14.44 -8.11
C GLU A 161 10.56 15.77 -7.49
N PRO A 162 9.58 16.44 -8.11
CA PRO A 162 8.90 16.07 -9.35
C PRO A 162 9.52 16.70 -10.58
N GLU A 163 10.55 17.54 -10.46
CA GLU A 163 10.99 18.29 -11.62
C GLU A 163 11.60 17.38 -12.68
N MET A 164 12.15 16.22 -12.30
CA MET A 164 12.61 15.27 -13.30
C MET A 164 11.50 14.82 -14.25
N SER A 165 10.25 15.02 -13.89
CA SER A 165 9.14 14.61 -14.74
C SER A 165 8.63 15.75 -15.62
N ASP A 166 9.43 16.82 -15.77
CA ASP A 166 9.01 18.00 -16.51
C ASP A 166 8.70 17.68 -17.97
N ASN A 167 9.44 16.73 -18.54
CA ASN A 167 9.20 16.26 -19.90
C ASN A 167 9.19 17.41 -20.92
N THR A 168 10.14 18.30 -20.79
CA THR A 168 10.28 19.38 -21.77
C THR A 168 10.61 18.76 -23.13
N PRO A 169 9.93 19.17 -24.21
CA PRO A 169 10.22 18.58 -25.52
C PRO A 169 11.71 18.68 -25.87
N GLY A 170 12.28 17.56 -26.29
CA GLY A 170 13.65 17.51 -26.75
C GLY A 170 14.70 17.44 -25.67
N ASP A 171 14.32 17.65 -24.42
CA ASP A 171 15.26 17.59 -23.30
C ASP A 171 15.76 16.15 -23.14
N LEU A 172 17.09 15.97 -23.11
CA LEU A 172 17.64 14.64 -22.94
C LEU A 172 17.86 14.28 -21.48
N ARG A 173 17.66 15.23 -20.56
CA ARG A 173 17.76 14.92 -19.15
C ARG A 173 16.67 13.93 -18.75
N ASP A 174 16.99 13.02 -17.83
CA ASP A 174 16.00 12.17 -17.19
C ASP A 174 15.27 11.30 -18.20
N THR A 175 16.01 10.82 -19.21
CA THR A 175 15.46 10.00 -20.28
C THR A 175 16.03 8.59 -20.27
N THR A 176 15.33 7.72 -21.00
CA THR A 176 15.78 6.38 -21.35
C THR A 176 15.28 6.10 -22.76
N THR A 177 15.59 4.92 -23.26
CA THR A 177 14.91 4.42 -24.45
C THR A 177 14.15 3.16 -24.09
N PRO A 178 13.10 2.81 -24.84
CA PRO A 178 12.40 1.55 -24.55
C PRO A 178 13.33 0.34 -24.51
N ILE A 179 14.27 0.24 -25.45
CA ILE A 179 15.14 -0.94 -25.49
C ILE A 179 16.13 -0.92 -24.32
N ALA A 180 16.67 0.25 -23.99
CA ALA A 180 17.60 0.30 -22.86
C ALA A 180 16.90 -0.07 -21.56
N MET A 181 15.69 0.46 -21.35
CA MET A 181 15.00 0.20 -20.09
C MET A 181 14.52 -1.25 -20.03
N ALA A 182 14.06 -1.79 -21.16
CA ALA A 182 13.62 -3.18 -21.18
C ALA A 182 14.79 -4.12 -20.87
N ARG A 183 15.96 -3.81 -21.42
CA ARG A 183 17.13 -4.63 -21.12
C ARG A 183 17.58 -4.45 -19.67
N THR A 184 17.39 -3.25 -19.12
CA THR A 184 17.68 -3.04 -17.70
C THR A 184 16.71 -3.84 -16.82
N VAL A 185 15.42 -3.85 -17.16
CA VAL A 185 14.46 -4.69 -16.44
C VAL A 185 14.90 -6.14 -16.50
N ALA A 186 15.29 -6.62 -17.68
CA ALA A 186 15.71 -8.02 -17.81
C ALA A 186 16.96 -8.29 -16.98
N LYS A 187 17.91 -7.34 -16.98
CA LYS A 187 19.13 -7.52 -16.21
C LYS A 187 18.81 -7.67 -14.73
N VAL A 188 17.89 -6.84 -14.22
CA VAL A 188 17.58 -6.85 -12.80
C VAL A 188 16.85 -8.13 -12.40
N LEU A 189 15.92 -8.61 -13.24
CA LEU A 189 15.05 -9.70 -12.85
C LEU A 189 15.59 -11.06 -13.25
N TYR A 190 16.35 -11.14 -14.35
CA TYR A 190 16.77 -12.40 -14.93
C TYR A 190 18.26 -12.52 -15.13
N GLY A 191 19.01 -11.42 -15.05
CA GLY A 191 20.41 -11.40 -15.42
C GLY A 191 21.38 -11.32 -14.25
N GLY A 192 20.91 -11.63 -13.04
CA GLY A 192 21.79 -11.77 -11.90
C GLY A 192 22.25 -10.49 -11.25
N ALA A 193 21.57 -9.37 -11.47
CA ALA A 193 21.96 -8.14 -10.81
C ALA A 193 21.71 -8.20 -9.30
N LEU A 194 20.77 -9.03 -8.85
CA LEU A 194 20.38 -9.12 -7.44
C LEU A 194 20.46 -10.57 -6.97
N THR A 195 20.56 -10.75 -5.64
CA THR A 195 20.51 -12.11 -5.11
C THR A 195 19.15 -12.73 -5.40
N SER A 196 19.10 -14.06 -5.31
CA SER A 196 17.85 -14.77 -5.52
C SER A 196 16.73 -14.21 -4.65
N THR A 197 17.03 -13.96 -3.38
CA THR A 197 16.02 -13.48 -2.45
C THR A 197 15.58 -12.06 -2.79
N SER A 198 16.53 -11.18 -3.10
CA SER A 198 16.19 -9.81 -3.45
C SER A 198 15.44 -9.76 -4.77
N THR A 199 15.81 -10.62 -5.72
CA THR A 199 15.10 -10.65 -7.00
C THR A 199 13.65 -11.05 -6.78
N HIS A 200 13.42 -12.08 -5.96
CA HIS A 200 12.05 -12.50 -5.72
C HIS A 200 11.25 -11.39 -5.05
N THR A 201 11.87 -10.68 -4.10
CA THR A 201 11.18 -9.60 -3.40
C THR A 201 10.74 -8.50 -4.36
N ILE A 202 11.67 -8.04 -5.22
CA ILE A 202 11.31 -6.95 -6.12
C ILE A 202 10.26 -7.41 -7.15
N GLU A 203 10.30 -8.68 -7.53
CA GLU A 203 9.26 -9.26 -8.38
C GLU A 203 7.90 -9.18 -7.71
N ARG A 204 7.82 -9.56 -6.43
CA ARG A 204 6.54 -9.47 -5.72
C ARG A 204 6.09 -8.03 -5.56
N TRP A 205 7.03 -7.10 -5.33
CA TRP A 205 6.65 -5.69 -5.22
C TRP A 205 6.01 -5.20 -6.52
N LEU A 206 6.56 -5.62 -7.66
CA LEU A 206 6.02 -5.20 -8.95
C LEU A 206 4.63 -5.80 -9.20
N ILE A 207 4.44 -7.06 -8.81
CA ILE A 207 3.12 -7.68 -8.96
C ILE A 207 2.10 -6.95 -8.10
N GLY A 208 2.49 -6.57 -6.87
CA GLY A 208 1.64 -5.88 -5.94
C GLY A 208 1.52 -4.38 -6.14
N ASN A 209 2.13 -3.84 -7.19
CA ASN A 209 2.03 -2.41 -7.47
C ASN A 209 0.57 -1.97 -7.41
N GLN A 210 0.31 -0.83 -6.78
CA GLN A 210 -1.05 -0.36 -6.61
C GLN A 210 -1.49 0.64 -7.68
N THR A 211 -0.59 1.07 -8.55
CA THR A 211 -0.87 2.16 -9.47
C THR A 211 -1.09 1.72 -10.91
N GLY A 212 -1.04 0.42 -11.20
CA GLY A 212 -1.05 0.01 -12.59
C GLY A 212 -2.27 -0.74 -13.06
N ASP A 213 -3.37 -0.70 -12.31
CA ASP A 213 -4.53 -1.53 -12.64
C ASP A 213 -5.14 -1.19 -13.98
N ALA A 214 -4.99 0.05 -14.44
CA ALA A 214 -5.66 0.54 -15.64
C ALA A 214 -4.74 0.67 -16.83
N THR A 215 -3.45 0.34 -16.68
CA THR A 215 -2.50 0.51 -17.78
C THR A 215 -2.18 -0.85 -18.41
N LEU A 216 -0.91 -1.25 -18.45
CA LEU A 216 -0.55 -2.43 -19.26
C LEU A 216 -1.28 -3.68 -18.80
N ARG A 217 -1.37 -3.92 -17.49
CA ARG A 217 -1.96 -5.18 -17.08
C ARG A 217 -3.45 -5.24 -17.43
N ALA A 218 -4.08 -4.07 -17.66
CA ALA A 218 -5.47 -4.10 -18.12
C ALA A 218 -5.60 -4.64 -19.53
N GLY A 219 -4.54 -4.56 -20.33
CA GLY A 219 -4.57 -5.07 -21.68
C GLY A 219 -3.97 -6.45 -21.86
N PHE A 220 -3.51 -7.08 -20.79
CA PHE A 220 -2.92 -8.41 -20.87
C PHE A 220 -3.96 -9.46 -20.46
N PRO A 221 -3.80 -10.71 -20.93
CA PRO A 221 -4.65 -11.79 -20.43
C PRO A 221 -4.50 -11.96 -18.92
N LYS A 222 -5.59 -12.37 -18.28
CA LYS A 222 -5.67 -12.37 -16.82
C LYS A 222 -4.89 -13.51 -16.17
N ASP A 223 -4.42 -14.50 -16.95
CA ASP A 223 -3.61 -15.59 -16.42
C ASP A 223 -2.12 -15.30 -16.47
N TRP A 224 -1.71 -14.29 -17.23
CA TRP A 224 -0.31 -13.91 -17.25
C TRP A 224 0.08 -13.39 -15.88
N VAL A 225 1.28 -13.78 -15.42
CA VAL A 225 1.85 -13.15 -14.23
C VAL A 225 2.55 -11.89 -14.68
N VAL A 226 2.10 -10.74 -14.18
CA VAL A 226 2.57 -9.42 -14.61
C VAL A 226 2.94 -8.59 -13.40
N GLY A 227 4.08 -7.92 -13.47
CA GLY A 227 4.42 -6.88 -12.51
C GLY A 227 5.01 -5.69 -13.24
N GLU A 228 4.68 -4.49 -12.76
CA GLU A 228 5.12 -3.31 -13.50
C GLU A 228 5.16 -2.08 -12.62
N LYS A 229 5.83 -1.05 -13.15
CA LYS A 229 5.96 0.26 -12.54
C LYS A 229 5.50 1.30 -13.56
N THR A 230 4.54 2.13 -13.16
CA THR A 230 3.95 3.13 -14.03
C THR A 230 4.71 4.46 -13.96
N GLY A 231 4.40 5.32 -14.91
CA GLY A 231 4.85 6.71 -14.85
C GLY A 231 3.84 7.62 -15.50
N THR A 232 3.73 8.84 -14.94
CA THR A 232 2.94 9.92 -15.51
C THR A 232 3.79 11.19 -15.47
N CYS A 233 3.98 11.83 -16.63
CA CYS A 233 4.71 13.09 -16.70
C CYS A 233 3.87 14.17 -17.34
N ALA A 234 4.38 15.40 -17.18
CA ALA A 234 3.81 16.55 -17.87
C ALA A 234 3.89 16.36 -19.38
N ASN A 235 3.12 17.16 -20.10
CA ASN A 235 3.10 17.14 -21.57
C ASN A 235 2.62 15.80 -22.12
N GLY A 236 1.82 15.06 -21.33
CA GLY A 236 1.13 13.90 -21.85
C GLY A 236 1.90 12.60 -21.80
N GLY A 237 2.92 12.48 -20.96
CA GLY A 237 3.64 11.22 -20.82
C GLY A 237 2.87 10.22 -19.97
N ARG A 238 2.86 8.97 -20.44
CA ARG A 238 2.26 7.86 -19.68
C ARG A 238 3.04 6.61 -20.03
N ASN A 239 3.65 5.98 -19.02
CA ASN A 239 4.64 4.92 -19.21
C ASN A 239 4.32 3.73 -18.31
N ASP A 240 4.85 2.57 -18.69
CA ASP A 240 4.68 1.37 -17.88
C ASP A 240 5.80 0.41 -18.25
N ILE A 241 6.61 -0.01 -17.28
CA ILE A 241 7.69 -0.94 -17.51
C ILE A 241 7.59 -2.12 -16.55
N GLY A 242 8.07 -3.29 -16.98
CA GLY A 242 8.05 -4.42 -16.08
C GLY A 242 8.24 -5.74 -16.76
N PHE A 243 7.55 -6.77 -16.28
CA PHE A 243 7.75 -8.13 -16.79
C PHE A 243 6.41 -8.84 -16.92
N PHE A 244 6.39 -9.86 -17.77
CA PHE A 244 5.24 -10.72 -17.78
C PHE A 244 5.67 -12.14 -18.13
N LYS A 245 4.94 -13.09 -17.56
CA LYS A 245 5.13 -14.50 -17.86
C LYS A 245 3.88 -14.95 -18.61
N ALA A 246 4.07 -15.37 -19.86
CA ALA A 246 3.00 -15.77 -20.76
C ALA A 246 3.34 -17.13 -21.35
N GLN A 247 2.41 -18.08 -21.25
CA GLN A 247 2.62 -19.41 -21.81
C GLN A 247 3.91 -20.03 -21.29
N GLU A 248 4.20 -19.79 -20.02
CA GLU A 248 5.36 -20.31 -19.30
C GLU A 248 6.68 -19.75 -19.84
N ARG A 249 6.65 -18.58 -20.48
CA ARG A 249 7.84 -17.92 -20.97
C ARG A 249 7.91 -16.52 -20.38
N ASP A 250 9.13 -16.09 -20.05
CA ASP A 250 9.35 -14.84 -19.34
C ASP A 250 9.77 -13.73 -20.31
N TYR A 251 9.22 -12.54 -20.12
CA TYR A 251 9.57 -11.38 -20.95
C TYR A 251 9.75 -10.14 -20.08
N ALA A 252 10.62 -9.24 -20.53
CA ALA A 252 10.72 -7.90 -19.98
C ALA A 252 10.19 -6.90 -21.00
N VAL A 253 9.51 -5.86 -20.54
CA VAL A 253 8.82 -4.93 -21.43
C VAL A 253 8.94 -3.51 -20.91
N ALA A 254 9.10 -2.56 -21.82
CA ALA A 254 9.05 -1.15 -21.50
C ALA A 254 8.17 -0.44 -22.52
N VAL A 255 7.22 0.35 -22.02
CA VAL A 255 6.30 1.12 -22.84
C VAL A 255 6.36 2.56 -22.39
N TYR A 256 6.70 3.46 -23.30
CA TYR A 256 6.73 4.90 -23.06
C TYR A 256 5.83 5.56 -24.10
N THR A 257 4.89 6.42 -23.66
CA THR A 257 4.01 7.08 -24.60
C THR A 257 3.88 8.57 -24.28
N THR A 258 3.59 9.34 -25.32
CA THR A 258 3.37 10.77 -25.24
C THR A 258 2.09 11.09 -26.00
N ALA A 259 1.07 11.59 -25.30
CA ALA A 259 -0.22 11.91 -25.92
C ALA A 259 -0.79 13.16 -25.28
N PRO A 260 -0.29 14.34 -25.67
CA PRO A 260 -0.69 15.58 -24.99
C PRO A 260 -2.14 15.97 -25.21
N LYS A 261 -2.79 15.43 -26.24
CA LYS A 261 -4.17 15.80 -26.53
C LYS A 261 -5.20 14.92 -25.83
N LEU A 262 -4.78 13.82 -25.20
CA LEU A 262 -5.70 12.93 -24.51
C LEU A 262 -5.94 13.37 -23.08
N SER A 263 -7.09 12.95 -22.54
CA SER A 263 -7.33 13.06 -21.11
C SER A 263 -6.50 12.02 -20.37
N ALA A 264 -6.39 12.23 -19.05
CA ALA A 264 -5.68 11.27 -18.22
C ALA A 264 -6.26 9.86 -18.36
N VAL A 265 -7.59 9.74 -18.34
CA VAL A 265 -8.21 8.42 -18.48
C VAL A 265 -7.91 7.83 -19.85
N GLU A 266 -7.91 8.67 -20.90
CA GLU A 266 -7.61 8.19 -22.25
C GLU A 266 -6.15 7.77 -22.39
N ARG A 267 -5.23 8.43 -21.70
CA ARG A 267 -3.85 7.96 -21.70
C ARG A 267 -3.74 6.59 -21.04
N ASP A 268 -4.48 6.37 -19.95
CA ASP A 268 -4.56 5.04 -19.36
C ASP A 268 -5.01 4.03 -20.40
N GLU A 269 -6.12 4.34 -21.08
CA GLU A 269 -6.67 3.45 -22.11
C GLU A 269 -5.67 3.23 -23.23
N LEU A 270 -4.85 4.23 -23.55
CA LEU A 270 -3.85 4.07 -24.60
C LEU A 270 -2.84 2.98 -24.22
N VAL A 271 -2.32 3.04 -22.99
CA VAL A 271 -1.33 2.05 -22.58
C VAL A 271 -1.96 0.66 -22.49
N ALA A 272 -3.21 0.57 -22.01
CA ALA A 272 -3.91 -0.71 -22.05
C ALA A 272 -4.04 -1.22 -23.49
N SER A 273 -4.37 -0.33 -24.43
CA SER A 273 -4.46 -0.72 -25.84
C SER A 273 -3.11 -1.21 -26.36
N VAL A 274 -2.02 -0.58 -25.95
CA VAL A 274 -0.71 -1.11 -26.31
C VAL A 274 -0.54 -2.51 -25.73
N GLY A 275 -1.04 -2.73 -24.51
CA GLY A 275 -0.99 -4.06 -23.94
C GLY A 275 -1.71 -5.09 -24.78
N GLN A 276 -2.85 -4.70 -25.38
CA GLN A 276 -3.57 -5.59 -26.28
C GLN A 276 -2.78 -5.88 -27.56
N VAL A 277 -2.06 -4.88 -28.08
CA VAL A 277 -1.24 -5.10 -29.27
C VAL A 277 -0.09 -6.05 -28.94
N ILE A 278 0.53 -5.88 -27.77
CA ILE A 278 1.57 -6.81 -27.34
C ILE A 278 1.01 -8.22 -27.23
N THR A 279 -0.16 -8.37 -26.60
CA THR A 279 -0.78 -9.68 -26.45
C THR A 279 -0.93 -10.37 -27.80
N GLN A 280 -1.41 -9.64 -28.81
CA GLN A 280 -1.56 -10.20 -30.15
C GLN A 280 -0.24 -10.76 -30.68
N LEU A 281 0.84 -10.01 -30.50
CA LEU A 281 2.14 -10.46 -31.00
C LEU A 281 2.61 -11.69 -30.26
N ILE A 282 2.49 -11.68 -28.92
CA ILE A 282 2.98 -12.81 -28.13
C ILE A 282 2.21 -14.08 -28.46
N LEU A 283 0.89 -13.96 -28.60
CA LEU A 283 0.05 -15.14 -28.80
C LEU A 283 0.10 -15.68 -30.23
N SER A 284 1.07 -15.26 -31.03
CA SER A 284 1.19 -15.75 -32.40
C SER A 284 2.65 -15.77 -32.87
N SER B 19 -14.60 17.03 35.26
CA SER B 19 -14.01 18.29 34.82
C SER B 19 -13.80 18.26 33.31
N GLU B 20 -12.58 17.90 32.89
CA GLU B 20 -12.35 17.69 31.47
C GLU B 20 -13.04 16.42 30.97
N LYS B 21 -13.23 15.42 31.84
CA LYS B 21 -14.04 14.27 31.47
C LYS B 21 -15.48 14.64 31.22
N LEU B 22 -16.02 15.58 32.01
CA LEU B 22 -17.40 16.00 31.82
C LEU B 22 -17.56 16.79 30.51
N THR B 23 -16.59 17.65 30.19
CA THR B 23 -16.62 18.30 28.88
C THR B 23 -16.52 17.28 27.76
N PHE B 24 -15.69 16.26 27.94
CA PHE B 24 -15.56 15.19 26.95
C PHE B 24 -16.91 14.52 26.71
N LYS B 25 -17.59 14.13 27.80
CA LYS B 25 -18.91 13.52 27.66
C LYS B 25 -19.88 14.48 26.98
N THR B 26 -19.87 15.76 27.40
CA THR B 26 -20.83 16.72 26.88
C THR B 26 -20.65 16.96 25.38
N ASP B 27 -19.39 17.05 24.92
CA ASP B 27 -19.16 17.29 23.49
C ASP B 27 -19.53 16.07 22.64
N LEU B 28 -19.30 14.86 23.13
CA LEU B 28 -19.69 13.68 22.36
C LEU B 28 -21.21 13.57 22.25
N GLU B 29 -21.93 13.87 23.34
CA GLU B 29 -23.38 13.80 23.29
C GLU B 29 -23.94 14.88 22.35
N LYS B 30 -23.27 16.03 22.25
CA LYS B 30 -23.60 17.03 21.25
C LYS B 30 -23.52 16.44 19.84
N LEU B 31 -22.42 15.76 19.53
CA LEU B 31 -22.28 15.13 18.22
C LEU B 31 -23.36 14.08 18.00
N GLU B 32 -23.68 13.29 19.03
CA GLU B 32 -24.69 12.25 18.90
C GLU B 32 -26.04 12.83 18.52
N ARG B 33 -26.47 13.87 19.24
CA ARG B 33 -27.77 14.49 18.94
C ARG B 33 -27.76 15.08 17.53
N GLU B 34 -26.74 15.88 17.21
CA GLU B 34 -26.73 16.62 15.95
C GLU B 34 -26.62 15.69 14.74
N LYS B 35 -25.95 14.55 14.89
CA LYS B 35 -25.69 13.69 13.75
C LYS B 35 -26.56 12.44 13.75
N ALA B 36 -27.50 12.34 14.70
CA ALA B 36 -28.33 11.15 14.88
C ALA B 36 -27.47 9.89 14.97
N ALA B 37 -26.51 9.93 15.89
CA ALA B 37 -25.46 8.94 15.96
C ALA B 37 -25.30 8.46 17.40
N GLN B 38 -24.65 7.31 17.53
CA GLN B 38 -24.18 6.81 18.81
C GLN B 38 -22.69 6.60 18.71
N ILE B 39 -21.95 7.08 19.70
CA ILE B 39 -20.50 7.11 19.65
C ILE B 39 -19.97 6.33 20.85
N GLY B 40 -19.22 5.27 20.58
CA GLY B 40 -18.54 4.51 21.62
C GLY B 40 -17.04 4.80 21.56
N VAL B 41 -16.48 5.19 22.70
CA VAL B 41 -15.07 5.55 22.79
C VAL B 41 -14.48 4.96 24.05
N ALA B 42 -13.25 4.43 23.95
CA ALA B 42 -12.47 4.17 25.16
C ALA B 42 -11.04 4.58 24.88
N ILE B 43 -10.44 5.30 25.83
CA ILE B 43 -9.02 5.64 25.82
C ILE B 43 -8.38 5.05 27.05
N VAL B 44 -7.32 4.26 26.86
CA VAL B 44 -6.60 3.69 28.00
C VAL B 44 -5.12 4.03 27.90
N ASP B 45 -4.45 3.97 29.05
CA ASP B 45 -3.01 4.11 29.11
C ASP B 45 -2.38 2.75 28.77
N PRO B 46 -1.04 2.67 28.71
CA PRO B 46 -0.42 1.40 28.27
C PRO B 46 -0.74 0.20 29.14
N GLN B 47 -1.10 0.40 30.41
CA GLN B 47 -1.50 -0.70 31.28
C GLN B 47 -2.98 -1.02 31.21
N GLY B 48 -3.74 -0.32 30.37
CA GLY B 48 -5.17 -0.55 30.27
C GLY B 48 -6.04 0.23 31.24
N GLU B 49 -5.45 1.12 32.04
CA GLU B 49 -6.25 1.97 32.92
C GLU B 49 -7.01 3.01 32.11
N ILE B 50 -8.27 3.23 32.50
CA ILE B 50 -9.17 4.10 31.73
C ILE B 50 -8.73 5.56 31.88
N VAL B 51 -8.49 6.21 30.74
CA VAL B 51 -8.32 7.66 30.69
C VAL B 51 -9.66 8.37 30.56
N ALA B 52 -10.46 7.99 29.56
CA ALA B 52 -11.84 8.45 29.44
C ALA B 52 -12.57 7.54 28.46
N GLY B 53 -13.89 7.63 28.47
CA GLY B 53 -14.69 6.82 27.57
C GLY B 53 -16.11 7.33 27.47
N HIS B 54 -16.86 6.68 26.58
CA HIS B 54 -18.27 7.00 26.34
C HIS B 54 -18.92 5.75 25.78
N ARG B 55 -20.05 5.34 26.38
CA ARG B 55 -20.69 4.09 26.01
C ARG B 55 -19.70 2.93 25.96
N MET B 56 -18.79 2.90 26.96
CA MET B 56 -17.64 2.01 26.89
C MET B 56 -18.00 0.54 26.90
N ALA B 57 -19.14 0.18 27.51
CA ALA B 57 -19.55 -1.20 27.63
C ALA B 57 -20.65 -1.56 26.65
N GLN B 58 -20.97 -0.68 25.71
CA GLN B 58 -21.97 -0.95 24.69
C GLN B 58 -21.37 -1.79 23.57
N ARG B 59 -22.15 -2.77 23.07
CA ARG B 59 -21.66 -3.59 21.97
C ARG B 59 -21.77 -2.85 20.64
N PHE B 60 -20.73 -2.96 19.82
CA PHE B 60 -20.69 -2.47 18.46
C PHE B 60 -20.10 -3.56 17.57
N ALA B 61 -20.50 -3.57 16.30
CA ALA B 61 -19.86 -4.47 15.34
C ALA B 61 -18.40 -4.08 15.13
N MET B 62 -17.49 -5.06 15.16
CA MET B 62 -16.09 -4.70 14.94
C MET B 62 -15.81 -4.34 13.49
N CYS B 63 -16.54 -4.97 12.55
CA CYS B 63 -16.24 -4.95 11.12
CA CYS B 63 -16.25 -4.86 11.14
C CYS B 63 -14.73 -5.01 10.93
N SER B 64 -14.16 -4.21 10.04
CA SER B 64 -12.75 -4.46 9.67
C SER B 64 -11.74 -4.20 10.79
N THR B 65 -12.15 -3.62 11.93
CA THR B 65 -11.15 -3.33 12.95
C THR B 65 -10.52 -4.59 13.52
N PHE B 66 -11.21 -5.74 13.44
CA PHE B 66 -10.61 -6.97 13.94
C PHE B 66 -9.38 -7.39 13.16
N LYS B 67 -9.13 -6.81 11.98
CA LYS B 67 -7.97 -7.22 11.19
C LYS B 67 -6.65 -6.86 11.87
N PHE B 68 -6.65 -5.82 12.72
CA PHE B 68 -5.48 -5.54 13.54
C PHE B 68 -5.21 -6.64 14.57
N PRO B 69 -6.16 -7.03 15.45
CA PRO B 69 -5.94 -8.24 16.26
C PRO B 69 -5.60 -9.49 15.45
N LEU B 70 -6.16 -9.64 14.25
CA LEU B 70 -5.81 -10.80 13.44
C LEU B 70 -4.32 -10.80 13.10
N ALA B 71 -3.78 -9.64 12.74
CA ALA B 71 -2.35 -9.56 12.46
C ALA B 71 -1.53 -9.87 13.70
N ALA B 72 -1.98 -9.39 14.87
CA ALA B 72 -1.29 -9.71 16.12
C ALA B 72 -1.27 -11.22 16.34
N LEU B 73 -2.40 -11.88 16.09
CA LEU B 73 -2.47 -13.33 16.17
C LEU B 73 -1.41 -13.99 15.31
N VAL B 74 -1.32 -13.55 14.05
CA VAL B 74 -0.35 -14.10 13.12
C VAL B 74 1.07 -13.85 13.60
N PHE B 75 1.35 -12.62 14.08
CA PHE B 75 2.69 -12.30 14.56
C PHE B 75 3.07 -13.17 15.75
N GLU B 76 2.09 -13.50 16.60
CA GLU B 76 2.40 -14.33 17.77
C GLU B 76 2.78 -15.74 17.33
N ARG B 77 2.15 -16.24 16.26
CA ARG B 77 2.53 -17.56 15.76
C ARG B 77 3.92 -17.53 15.13
N ILE B 78 4.24 -16.44 14.43
CA ILE B 78 5.61 -16.29 13.94
C ILE B 78 6.58 -16.19 15.11
N ASP B 79 6.25 -15.37 16.12
CA ASP B 79 7.09 -15.24 17.32
C ASP B 79 7.36 -16.58 17.97
N SER B 80 6.37 -17.45 18.00
CA SER B 80 6.47 -18.73 18.70
C SER B 80 7.01 -19.84 17.83
N GLY B 81 7.25 -19.59 16.54
CA GLY B 81 7.80 -20.60 15.67
C GLY B 81 6.79 -21.59 15.14
N THR B 82 5.50 -21.27 15.16
CA THR B 82 4.49 -22.14 14.58
C THR B 82 4.04 -21.67 13.21
N GLU B 83 4.58 -20.55 12.74
CA GLU B 83 4.29 -19.98 11.43
C GLU B 83 5.55 -19.32 10.89
N ARG B 84 5.64 -19.23 9.56
CA ARG B 84 6.71 -18.52 8.87
C ARG B 84 6.12 -17.39 8.05
N GLY B 85 6.69 -16.18 8.17
CA GLY B 85 6.13 -15.04 7.48
C GLY B 85 6.17 -15.14 5.98
N ASP B 86 7.14 -15.87 5.43
CA ASP B 86 7.25 -16.02 3.99
C ASP B 86 6.56 -17.27 3.45
N ARG B 87 5.82 -18.00 4.28
CA ARG B 87 5.13 -19.18 3.78
C ARG B 87 4.07 -18.77 2.75
N LYS B 88 4.02 -19.47 1.63
CA LYS B 88 3.10 -19.12 0.56
C LYS B 88 1.72 -19.71 0.81
N LEU B 89 0.71 -18.85 0.77
CA LEU B 89 -0.68 -19.27 0.93
C LEU B 89 -1.33 -19.26 -0.45
N SER B 90 -1.56 -20.45 -1.01
CA SER B 90 -2.10 -20.55 -2.36
C SER B 90 -3.62 -20.35 -2.34
N TYR B 91 -4.14 -19.77 -3.43
CA TYR B 91 -5.59 -19.61 -3.53
C TYR B 91 -5.98 -19.48 -5.00
N GLY B 92 -7.28 -19.60 -5.23
CA GLY B 92 -7.85 -19.40 -6.53
C GLY B 92 -8.88 -18.29 -6.52
N PRO B 93 -9.59 -18.16 -7.64
CA PRO B 93 -10.58 -17.07 -7.77
C PRO B 93 -11.65 -17.07 -6.71
N ASP B 94 -11.95 -18.22 -6.09
CA ASP B 94 -13.04 -18.21 -5.14
C ASP B 94 -12.69 -17.49 -3.85
N MET B 95 -11.45 -17.03 -3.68
CA MET B 95 -11.14 -16.29 -2.47
C MET B 95 -11.32 -14.78 -2.65
N ILE B 96 -11.53 -14.32 -3.87
CA ILE B 96 -11.78 -12.91 -4.12
C ILE B 96 -13.23 -12.58 -3.72
N VAL B 97 -13.38 -11.64 -2.79
CA VAL B 97 -14.66 -11.10 -2.40
C VAL B 97 -14.60 -9.58 -2.57
N GLU B 98 -15.69 -8.91 -2.21
CA GLU B 98 -15.76 -7.46 -2.27
C GLU B 98 -14.55 -6.83 -1.59
N TRP B 99 -13.95 -5.83 -2.25
CA TRP B 99 -12.76 -5.15 -1.73
C TRP B 99 -11.62 -6.10 -1.39
N SER B 100 -11.02 -6.65 -2.44
CA SER B 100 -9.84 -7.50 -2.32
C SER B 100 -8.76 -7.05 -3.30
N PRO B 101 -8.27 -5.81 -3.16
CA PRO B 101 -7.38 -5.27 -4.20
C PRO B 101 -6.06 -6.00 -4.35
N ALA B 102 -5.36 -6.27 -3.24
CA ALA B 102 -4.11 -7.02 -3.33
C ALA B 102 -4.37 -8.47 -3.72
N THR B 103 -5.38 -9.10 -3.11
CA THR B 103 -5.71 -10.48 -3.46
C THR B 103 -5.93 -10.63 -4.97
N GLU B 104 -6.62 -9.66 -5.57
CA GLU B 104 -6.84 -9.72 -7.02
C GLU B 104 -5.54 -9.57 -7.79
N ARG B 105 -4.64 -8.69 -7.35
CA ARG B 105 -3.40 -8.47 -8.09
C ARG B 105 -2.50 -9.69 -8.06
N PHE B 106 -2.49 -10.41 -6.94
CA PHE B 106 -1.62 -11.58 -6.79
C PHE B 106 -2.27 -12.87 -7.27
N LEU B 107 -3.51 -12.83 -7.73
CA LEU B 107 -4.23 -14.06 -8.07
C LEU B 107 -3.50 -14.86 -9.14
N ALA B 108 -3.04 -14.19 -10.21
CA ALA B 108 -2.38 -14.91 -11.30
C ALA B 108 -1.10 -15.59 -10.81
N SER B 109 -0.36 -14.94 -9.90
CA SER B 109 0.85 -15.56 -9.35
C SER B 109 0.53 -16.80 -8.51
N GLY B 110 -0.68 -16.90 -7.97
CA GLY B 110 -1.14 -18.11 -7.31
C GLY B 110 -1.10 -18.09 -5.80
N HIS B 111 -0.49 -17.08 -5.19
CA HIS B 111 -0.35 -17.10 -3.74
C HIS B 111 -0.08 -15.70 -3.23
N MET B 112 -0.13 -15.60 -1.90
CA MET B 112 0.20 -14.39 -1.15
C MET B 112 0.90 -14.97 0.07
N THR B 113 2.03 -14.41 0.48
CA THR B 113 2.64 -14.98 1.67
C THR B 113 1.85 -14.57 2.92
N VAL B 114 2.14 -15.25 4.03
CA VAL B 114 1.52 -14.90 5.31
C VAL B 114 1.65 -13.41 5.59
N LEU B 115 2.88 -12.87 5.49
CA LEU B 115 3.08 -11.46 5.81
C LEU B 115 2.47 -10.53 4.75
N GLU B 116 2.53 -10.92 3.48
CA GLU B 116 1.88 -10.13 2.44
C GLU B 116 0.39 -10.01 2.70
N ALA B 117 -0.27 -11.13 3.01
CA ALA B 117 -1.70 -11.08 3.31
C ALA B 117 -1.99 -10.25 4.55
N ALA B 118 -1.19 -10.42 5.61
CA ALA B 118 -1.45 -9.66 6.83
C ALA B 118 -1.27 -8.16 6.60
N GLN B 119 -0.25 -7.76 5.84
CA GLN B 119 -0.07 -6.33 5.60
C GLN B 119 -1.19 -5.76 4.74
N ALA B 120 -1.70 -6.55 3.78
CA ALA B 120 -2.81 -6.09 2.98
C ALA B 120 -4.08 -5.97 3.82
N ALA B 121 -4.29 -6.92 4.73
CA ALA B 121 -5.45 -6.86 5.60
C ALA B 121 -5.41 -5.62 6.49
N VAL B 122 -4.23 -5.29 7.03
CA VAL B 122 -4.13 -4.17 7.95
C VAL B 122 -4.18 -2.83 7.20
N GLN B 123 -3.41 -2.69 6.13
CA GLN B 123 -3.19 -1.38 5.53
C GLN B 123 -4.12 -1.04 4.38
N LEU B 124 -4.73 -2.05 3.74
CA LEU B 124 -5.72 -1.85 2.68
C LEU B 124 -7.11 -2.33 3.08
N SER B 125 -7.22 -2.99 4.23
CA SER B 125 -8.44 -3.68 4.64
C SER B 125 -8.91 -4.69 3.59
N ASP B 126 -7.97 -5.39 2.97
CA ASP B 126 -8.26 -6.36 1.91
C ASP B 126 -9.03 -7.54 2.51
N ASN B 127 -10.26 -7.76 2.03
CA ASN B 127 -11.10 -8.80 2.61
C ASN B 127 -10.63 -10.19 2.19
N GLY B 128 -10.25 -10.35 0.93
CA GLY B 128 -9.73 -11.64 0.49
C GLY B 128 -8.50 -12.06 1.28
N ALA B 129 -7.61 -11.12 1.56
CA ALA B 129 -6.40 -11.44 2.32
C ALA B 129 -6.75 -11.81 3.75
N THR B 130 -7.73 -11.11 4.32
CA THR B 130 -8.24 -11.45 5.65
C THR B 130 -8.80 -12.87 5.68
N ASN B 131 -9.64 -13.21 4.70
CA ASN B 131 -10.21 -14.55 4.66
C ASN B 131 -9.16 -15.61 4.39
N LEU B 132 -8.11 -15.26 3.63
CA LEU B 132 -7.01 -16.19 3.41
C LEU B 132 -6.33 -16.55 4.73
N LEU B 133 -6.07 -15.54 5.58
CA LEU B 133 -5.48 -15.81 6.88
C LEU B 133 -6.44 -16.55 7.79
N LEU B 134 -7.74 -16.21 7.76
CA LEU B 134 -8.72 -16.94 8.55
C LEU B 134 -8.72 -18.42 8.19
N ARG B 135 -8.66 -18.73 6.90
CA ARG B 135 -8.57 -20.13 6.48
C ARG B 135 -7.39 -20.83 7.13
N GLU B 136 -6.24 -20.16 7.23
CA GLU B 136 -5.04 -20.80 7.73
C GLU B 136 -5.10 -21.03 9.23
N ILE B 137 -5.77 -20.15 9.97
CA ILE B 137 -5.75 -20.24 11.43
C ILE B 137 -6.89 -21.07 12.00
N GLY B 138 -7.88 -21.43 11.19
CA GLY B 138 -9.00 -22.22 11.66
C GLY B 138 -10.32 -21.50 11.69
N GLY B 139 -10.40 -20.31 11.10
CA GLY B 139 -11.65 -19.60 11.03
C GLY B 139 -11.93 -18.72 12.24
N PRO B 140 -13.14 -18.16 12.27
CA PRO B 140 -13.52 -17.25 13.36
C PRO B 140 -13.32 -17.80 14.77
N ALA B 141 -13.49 -19.11 14.99
CA ALA B 141 -13.29 -19.64 16.34
C ALA B 141 -11.85 -19.39 16.81
N ALA B 142 -10.88 -19.47 15.89
CA ALA B 142 -9.48 -19.26 16.29
C ALA B 142 -9.22 -17.80 16.63
N MET B 143 -9.83 -16.87 15.88
CA MET B 143 -9.78 -15.47 16.27
C MET B 143 -10.32 -15.23 17.68
N THR B 144 -11.51 -15.75 17.96
CA THR B 144 -12.07 -15.56 19.29
C THR B 144 -11.17 -16.16 20.35
N GLN B 145 -10.57 -17.33 20.07
CA GLN B 145 -9.68 -17.97 21.03
C GLN B 145 -8.49 -17.06 21.36
N TYR B 146 -7.95 -16.36 20.35
CA TYR B 146 -6.84 -15.44 20.59
C TYR B 146 -7.26 -14.30 21.49
N PHE B 147 -8.44 -13.71 21.25
CA PHE B 147 -8.96 -12.68 22.16
C PHE B 147 -8.95 -13.18 23.60
N ARG B 148 -9.50 -14.38 23.83
CA ARG B 148 -9.55 -14.91 25.19
C ARG B 148 -8.17 -15.13 25.77
N LYS B 149 -7.21 -15.54 24.92
CA LYS B 149 -5.84 -15.81 25.37
C LYS B 149 -5.18 -14.57 25.93
N ILE B 150 -5.43 -13.41 25.32
CA ILE B 150 -4.78 -12.18 25.74
C ILE B 150 -5.65 -11.38 26.72
N GLY B 151 -6.66 -12.02 27.32
CA GLY B 151 -7.43 -11.43 28.39
C GLY B 151 -8.68 -10.69 27.98
N ASP B 152 -9.11 -10.83 26.73
CA ASP B 152 -10.31 -10.18 26.20
C ASP B 152 -11.44 -11.21 26.23
N SER B 153 -12.34 -11.06 27.20
CA SER B 153 -13.47 -11.95 27.38
C SER B 153 -14.71 -11.49 26.62
N VAL B 154 -14.60 -10.42 25.85
CA VAL B 154 -15.75 -9.73 25.26
C VAL B 154 -15.79 -9.90 23.75
N SER B 155 -14.69 -9.61 23.09
CA SER B 155 -14.65 -9.58 21.62
C SER B 155 -14.88 -10.98 21.06
N ARG B 156 -15.63 -11.06 19.96
CA ARG B 156 -15.91 -12.37 19.36
C ARG B 156 -15.99 -12.21 17.86
N LEU B 157 -15.31 -13.10 17.13
CA LEU B 157 -15.48 -13.20 15.69
C LEU B 157 -16.28 -14.46 15.39
N ASP B 158 -17.34 -14.31 14.59
CA ASP B 158 -18.23 -15.42 14.27
C ASP B 158 -18.28 -15.76 12.79
N ARG B 159 -17.97 -14.81 11.91
CA ARG B 159 -18.11 -15.00 10.47
C ARG B 159 -16.90 -14.41 9.76
N LYS B 160 -16.71 -14.83 8.51
CA LYS B 160 -15.68 -14.28 7.66
C LYS B 160 -16.18 -13.01 6.96
N GLU B 161 -15.32 -12.41 6.14
CA GLU B 161 -15.67 -11.21 5.39
C GLU B 161 -16.41 -11.58 4.10
N PRO B 162 -17.35 -10.73 3.65
CA PRO B 162 -17.77 -9.47 4.26
C PRO B 162 -19.00 -9.63 5.15
N GLU B 163 -19.59 -10.83 5.28
CA GLU B 163 -20.81 -10.97 6.04
C GLU B 163 -20.66 -10.60 7.51
N MET B 164 -19.46 -10.67 8.07
CA MET B 164 -19.30 -10.32 9.47
C MET B 164 -19.57 -8.84 9.72
N SER B 165 -19.67 -8.02 8.65
CA SER B 165 -19.94 -6.60 8.76
C SER B 165 -21.41 -6.26 8.51
N ASP B 166 -22.30 -7.26 8.56
CA ASP B 166 -23.74 -7.04 8.39
C ASP B 166 -24.28 -5.98 9.35
N ASN B 167 -23.81 -5.97 10.59
CA ASN B 167 -24.19 -4.98 11.59
C ASN B 167 -25.71 -4.86 11.75
N THR B 168 -26.37 -6.01 11.84
CA THR B 168 -27.79 -6.03 12.22
C THR B 168 -27.97 -5.55 13.66
N PRO B 169 -28.86 -4.60 13.92
CA PRO B 169 -29.01 -4.07 15.28
C PRO B 169 -29.34 -5.17 16.29
N GLY B 170 -28.63 -5.15 17.42
CA GLY B 170 -28.82 -6.14 18.47
C GLY B 170 -28.17 -7.49 18.24
N ASP B 171 -27.69 -7.75 17.02
CA ASP B 171 -26.96 -8.99 16.72
C ASP B 171 -25.65 -8.97 17.49
N LEU B 172 -25.43 -9.99 18.32
CA LEU B 172 -24.22 -10.06 19.14
C LEU B 172 -23.03 -10.67 18.40
N ARG B 173 -23.25 -11.31 17.24
CA ARG B 173 -22.13 -11.85 16.47
C ARG B 173 -21.18 -10.73 16.04
N ASP B 174 -19.88 -11.03 16.05
CA ASP B 174 -18.86 -10.18 15.43
C ASP B 174 -18.79 -8.81 16.08
N THR B 175 -18.95 -8.79 17.41
CA THR B 175 -19.01 -7.55 18.19
C THR B 175 -17.84 -7.44 19.16
N THR B 176 -17.64 -6.22 19.63
CA THR B 176 -16.75 -5.90 20.74
C THR B 176 -17.40 -4.76 21.52
N THR B 177 -16.72 -4.30 22.57
CA THR B 177 -17.06 -3.03 23.19
C THR B 177 -15.85 -2.10 23.10
N PRO B 178 -16.07 -0.78 23.17
CA PRO B 178 -14.91 0.12 23.11
C PRO B 178 -13.87 -0.15 24.17
N ILE B 179 -14.28 -0.42 25.42
CA ILE B 179 -13.28 -0.65 26.46
C ILE B 179 -12.58 -2.00 26.25
N ALA B 180 -13.32 -3.03 25.84
CA ALA B 180 -12.65 -4.30 25.58
C ALA B 180 -11.61 -4.15 24.48
N MET B 181 -11.93 -3.41 23.42
CA MET B 181 -10.94 -3.48 22.35
C MET B 181 -9.82 -2.47 22.55
N ALA B 182 -10.07 -1.34 23.22
CA ALA B 182 -8.96 -0.47 23.62
C ALA B 182 -7.98 -1.21 24.51
N ARG B 183 -8.48 -2.06 25.41
CA ARG B 183 -7.56 -2.83 26.25
C ARG B 183 -6.85 -3.92 25.45
N THR B 184 -7.51 -4.49 24.45
CA THR B 184 -6.82 -5.42 23.56
C THR B 184 -5.73 -4.71 22.78
N VAL B 185 -6.00 -3.50 22.29
CA VAL B 185 -4.97 -2.74 21.59
C VAL B 185 -3.77 -2.50 22.51
N ALA B 186 -4.04 -2.05 23.75
CA ALA B 186 -2.93 -1.77 24.66
C ALA B 186 -2.15 -3.04 24.99
N LYS B 187 -2.83 -4.18 25.08
CA LYS B 187 -2.13 -5.42 25.38
C LYS B 187 -1.17 -5.77 24.26
N VAL B 188 -1.60 -5.57 23.01
CA VAL B 188 -0.80 -5.95 21.85
C VAL B 188 0.39 -5.01 21.68
N LEU B 189 0.20 -3.72 21.93
CA LEU B 189 1.22 -2.70 21.67
C LEU B 189 2.12 -2.44 22.85
N TYR B 190 1.60 -2.61 24.07
CA TYR B 190 2.29 -2.19 25.28
C TYR B 190 2.37 -3.26 26.35
N GLY B 191 1.56 -4.32 26.27
CA GLY B 191 1.45 -5.30 27.32
C GLY B 191 2.22 -6.58 27.12
N GLY B 192 3.15 -6.63 26.17
CA GLY B 192 4.02 -7.77 26.02
C GLY B 192 3.46 -8.94 25.24
N ALA B 193 2.37 -8.74 24.50
CA ALA B 193 1.78 -9.81 23.70
C ALA B 193 2.69 -10.25 22.55
N LEU B 194 3.55 -9.35 22.09
CA LEU B 194 4.42 -9.60 20.95
C LEU B 194 5.85 -9.30 21.34
N THR B 195 6.79 -9.90 20.61
CA THR B 195 8.20 -9.56 20.79
C THR B 195 8.42 -8.10 20.46
N SER B 196 9.57 -7.58 20.91
CA SER B 196 9.89 -6.18 20.60
C SER B 196 9.88 -5.94 19.10
N THR B 197 10.43 -6.89 18.33
CA THR B 197 10.51 -6.71 16.88
C THR B 197 9.11 -6.72 16.26
N SER B 198 8.28 -7.69 16.64
CA SER B 198 6.95 -7.76 16.05
C SER B 198 6.08 -6.59 16.47
N THR B 199 6.24 -6.11 17.71
CA THR B 199 5.47 -4.96 18.18
C THR B 199 5.81 -3.73 17.35
N HIS B 200 7.10 -3.49 17.12
CA HIS B 200 7.46 -2.33 16.32
C HIS B 200 6.93 -2.45 14.90
N THR B 201 6.98 -3.66 14.33
CA THR B 201 6.48 -3.84 12.97
C THR B 201 4.99 -3.52 12.89
N ILE B 202 4.20 -4.01 13.86
CA ILE B 202 2.77 -3.79 13.77
C ILE B 202 2.44 -2.33 14.04
N GLU B 203 3.24 -1.66 14.88
CA GLU B 203 3.09 -0.21 15.05
C GLU B 203 3.31 0.52 13.73
N ARG B 204 4.38 0.16 13.00
CA ARG B 204 4.63 0.83 11.72
C ARG B 204 3.52 0.55 10.72
N TRP B 205 2.98 -0.68 10.71
CA TRP B 205 1.88 -0.96 9.79
C TRP B 205 0.67 -0.08 10.07
N LEU B 206 0.37 0.15 11.35
CA LEU B 206 -0.77 1.01 11.69
C LEU B 206 -0.52 2.45 11.29
N ILE B 207 0.70 2.96 11.50
CA ILE B 207 1.01 4.32 11.06
C ILE B 207 0.85 4.43 9.56
N GLY B 208 1.34 3.43 8.82
CA GLY B 208 1.30 3.44 7.37
C GLY B 208 -0.03 3.02 6.74
N ASN B 209 -1.05 2.75 7.56
CA ASN B 209 -2.37 2.41 7.05
C ASN B 209 -2.80 3.39 5.97
N GLN B 210 -3.34 2.86 4.87
CA GLN B 210 -3.74 3.69 3.75
C GLN B 210 -5.20 4.13 3.78
N THR B 211 -6.00 3.65 4.74
CA THR B 211 -7.45 3.83 4.72
C THR B 211 -7.96 4.85 5.74
N GLY B 212 -7.08 5.44 6.54
CA GLY B 212 -7.49 6.27 7.65
C GLY B 212 -7.26 7.76 7.54
N ASP B 213 -6.95 8.28 6.35
CA ASP B 213 -6.57 9.68 6.23
C ASP B 213 -7.70 10.63 6.62
N ALA B 214 -8.96 10.21 6.51
CA ALA B 214 -10.08 11.10 6.76
C ALA B 214 -10.82 10.80 8.06
N THR B 215 -10.36 9.84 8.85
CA THR B 215 -11.06 9.45 10.07
C THR B 215 -10.30 10.00 11.28
N LEU B 216 -9.98 9.19 12.31
CA LEU B 216 -9.41 9.73 13.55
C LEU B 216 -8.21 10.65 13.30
N ARG B 217 -7.26 10.21 12.45
CA ARG B 217 -6.05 11.01 12.20
C ARG B 217 -6.35 12.42 11.77
N ALA B 218 -7.44 12.62 11.03
CA ALA B 218 -7.77 13.95 10.55
C ALA B 218 -8.19 14.87 11.68
N GLY B 219 -8.51 14.31 12.85
CA GLY B 219 -8.95 15.08 14.00
C GLY B 219 -7.87 15.36 15.02
N PHE B 220 -6.70 14.62 14.96
CA PHE B 220 -5.59 14.81 15.89
C PHE B 220 -4.59 15.83 15.36
N PRO B 221 -3.87 16.50 16.26
CA PRO B 221 -2.82 17.43 15.83
C PRO B 221 -1.78 16.75 14.94
N LYS B 222 -1.19 17.54 14.04
CA LYS B 222 -0.25 17.01 13.06
C LYS B 222 1.02 16.46 13.68
N ASP B 223 1.36 16.86 14.90
CA ASP B 223 2.58 16.39 15.52
C ASP B 223 2.37 15.17 16.40
N TRP B 224 1.14 14.67 16.52
CA TRP B 224 0.89 13.44 17.25
C TRP B 224 1.31 12.25 16.39
N VAL B 225 1.91 11.24 17.00
CA VAL B 225 2.18 9.99 16.28
C VAL B 225 0.97 9.09 16.44
N VAL B 226 0.35 8.72 15.30
CA VAL B 226 -0.94 8.04 15.29
C VAL B 226 -0.87 6.86 14.34
N GLY B 227 -1.39 5.73 14.78
CA GLY B 227 -1.59 4.60 13.87
C GLY B 227 -2.92 3.95 14.14
N GLU B 228 -3.65 3.53 13.11
CA GLU B 228 -4.98 3.01 13.39
C GLU B 228 -5.45 2.06 12.29
N LYS B 229 -6.54 1.36 12.59
CA LYS B 229 -7.23 0.47 11.66
C LYS B 229 -8.69 0.88 11.62
N THR B 230 -9.20 1.18 10.42
CA THR B 230 -10.56 1.63 10.20
C THR B 230 -11.52 0.46 10.02
N GLY B 231 -12.80 0.78 10.10
CA GLY B 231 -13.83 -0.15 9.67
C GLY B 231 -15.02 0.60 9.14
N THR B 232 -15.71 -0.02 8.18
CA THR B 232 -16.97 0.49 7.65
C THR B 232 -17.93 -0.69 7.57
N CYS B 233 -19.12 -0.55 8.14
CA CYS B 233 -20.09 -1.61 7.96
C CYS B 233 -21.46 -1.07 7.60
N ALA B 234 -22.33 -2.03 7.28
CA ALA B 234 -23.69 -1.75 6.89
C ALA B 234 -24.42 -1.06 8.04
N ASN B 235 -25.55 -0.45 7.70
CA ASN B 235 -26.39 0.27 8.66
C ASN B 235 -25.62 1.35 9.41
N GLY B 236 -24.65 1.96 8.73
CA GLY B 236 -24.06 3.20 9.17
C GLY B 236 -22.89 3.08 10.12
N GLY B 237 -22.19 1.96 10.14
CA GLY B 237 -21.08 1.79 11.08
C GLY B 237 -19.79 2.37 10.53
N ARG B 238 -19.07 3.11 11.37
CA ARG B 238 -17.77 3.66 10.96
C ARG B 238 -16.87 3.67 12.19
N ASN B 239 -15.74 2.96 12.11
CA ASN B 239 -14.95 2.71 13.31
C ASN B 239 -13.47 3.01 13.06
N ASP B 240 -12.72 3.18 14.14
CA ASP B 240 -11.29 3.45 14.02
C ASP B 240 -10.65 3.12 15.37
N ILE B 241 -9.69 2.18 15.37
CA ILE B 241 -9.02 1.77 16.59
C ILE B 241 -7.51 1.87 16.39
N GLY B 242 -6.79 2.12 17.47
CA GLY B 242 -5.35 2.22 17.33
C GLY B 242 -4.67 2.87 18.51
N PHE B 243 -3.62 3.66 18.24
CA PHE B 243 -2.85 4.29 19.30
C PHE B 243 -2.51 5.71 18.90
N PHE B 244 -2.20 6.54 19.91
CA PHE B 244 -1.58 7.83 19.61
C PHE B 244 -0.59 8.18 20.70
N LYS B 245 0.42 8.96 20.31
CA LYS B 245 1.49 9.40 21.19
C LYS B 245 1.40 10.92 21.23
N ALA B 246 1.10 11.46 22.39
CA ALA B 246 0.92 12.90 22.54
C ALA B 246 1.63 13.38 23.78
N GLN B 247 2.33 14.51 23.68
CA GLN B 247 2.93 15.14 24.85
C GLN B 247 3.78 14.14 25.63
N GLU B 248 4.55 13.33 24.90
CA GLU B 248 5.48 12.35 25.48
C GLU B 248 4.73 11.27 26.27
N ARG B 249 3.49 10.98 25.89
CA ARG B 249 2.67 9.97 26.56
C ARG B 249 1.99 9.10 25.52
N ASP B 250 1.80 7.82 25.86
CA ASP B 250 1.25 6.81 24.96
C ASP B 250 -0.16 6.43 25.37
N TYR B 251 -1.05 6.24 24.38
CA TYR B 251 -2.45 5.90 24.61
C TYR B 251 -2.90 4.85 23.61
N ALA B 252 -3.84 4.00 24.02
CA ALA B 252 -4.58 3.14 23.09
C ALA B 252 -6.02 3.64 23.04
N VAL B 253 -6.64 3.57 21.86
CA VAL B 253 -7.97 4.15 21.67
C VAL B 253 -8.80 3.25 20.76
N ALA B 254 -10.09 3.16 21.07
CA ALA B 254 -11.04 2.48 20.20
C ALA B 254 -12.26 3.37 20.02
N VAL B 255 -12.64 3.63 18.78
CA VAL B 255 -13.81 4.45 18.48
C VAL B 255 -14.73 3.65 17.58
N TYR B 256 -15.99 3.50 18.00
CA TYR B 256 -17.02 2.81 17.24
C TYR B 256 -18.20 3.75 17.12
N THR B 257 -18.72 3.95 15.90
CA THR B 257 -19.86 4.85 15.71
C THR B 257 -20.91 4.19 14.81
N THR B 258 -22.15 4.61 15.04
CA THR B 258 -23.30 4.18 14.24
C THR B 258 -24.09 5.43 13.88
N ALA B 259 -24.21 5.70 12.57
CA ALA B 259 -24.89 6.90 12.09
C ALA B 259 -25.59 6.56 10.77
N PRO B 260 -26.70 5.84 10.84
CA PRO B 260 -27.32 5.32 9.60
C PRO B 260 -27.84 6.40 8.67
N LYS B 261 -28.12 7.61 9.15
CA LYS B 261 -28.68 8.64 8.29
C LYS B 261 -27.64 9.58 7.70
N LEU B 262 -26.36 9.41 8.05
CA LEU B 262 -25.30 10.24 7.49
C LEU B 262 -24.82 9.66 6.16
N SER B 263 -24.24 10.53 5.35
CA SER B 263 -23.55 10.07 4.15
C SER B 263 -22.21 9.43 4.52
N ALA B 264 -21.62 8.74 3.55
CA ALA B 264 -20.33 8.08 3.79
C ALA B 264 -19.26 9.10 4.17
N VAL B 265 -19.19 10.21 3.45
CA VAL B 265 -18.21 11.25 3.78
C VAL B 265 -18.55 11.89 5.13
N GLU B 266 -19.84 12.05 5.42
CA GLU B 266 -20.25 12.60 6.70
C GLU B 266 -19.82 11.71 7.85
N ARG B 267 -19.80 10.39 7.64
CA ARG B 267 -19.35 9.51 8.70
C ARG B 267 -17.85 9.61 8.94
N ASP B 268 -17.06 9.84 7.88
CA ASP B 268 -15.64 10.13 8.08
C ASP B 268 -15.49 11.37 8.94
N GLU B 269 -16.22 12.44 8.61
CA GLU B 269 -16.17 13.67 9.37
C GLU B 269 -16.59 13.45 10.82
N LEU B 270 -17.57 12.56 11.03
CA LEU B 270 -18.01 12.23 12.39
C LEU B 270 -16.84 11.68 13.20
N VAL B 271 -16.11 10.72 12.64
CA VAL B 271 -14.99 10.12 13.37
C VAL B 271 -13.85 11.12 13.54
N ALA B 272 -13.61 11.97 12.54
CA ALA B 272 -12.60 13.02 12.70
C ALA B 272 -12.98 14.00 13.80
N SER B 273 -14.28 14.32 13.92
CA SER B 273 -14.73 15.19 15.00
C SER B 273 -14.52 14.55 16.37
N VAL B 274 -14.80 13.24 16.47
CA VAL B 274 -14.46 12.52 17.69
C VAL B 274 -12.98 12.65 17.99
N GLY B 275 -12.14 12.60 16.95
CA GLY B 275 -10.70 12.82 17.14
C GLY B 275 -10.37 14.16 17.77
N GLN B 276 -11.04 15.23 17.34
CA GLN B 276 -10.70 16.49 17.97
C GLN B 276 -11.33 16.66 19.35
N VAL B 277 -12.44 15.98 19.64
CA VAL B 277 -12.94 15.93 21.03
C VAL B 277 -11.95 15.21 21.93
N ILE B 278 -11.35 14.11 21.44
CA ILE B 278 -10.29 13.44 22.17
C ILE B 278 -9.10 14.36 22.36
N THR B 279 -8.73 15.09 21.31
CA THR B 279 -7.64 16.08 21.42
C THR B 279 -7.91 17.08 22.53
N GLN B 280 -9.10 17.68 22.53
CA GLN B 280 -9.46 18.64 23.57
C GLN B 280 -9.33 18.03 24.97
N LEU B 281 -9.70 16.76 25.10
CA LEU B 281 -9.56 16.08 26.39
C LEU B 281 -8.09 15.91 26.79
N ILE B 282 -7.28 15.36 25.88
CA ILE B 282 -5.91 15.04 26.21
C ILE B 282 -5.11 16.30 26.51
N LEU B 283 -5.39 17.39 25.79
CA LEU B 283 -4.63 18.61 25.95
C LEU B 283 -4.98 19.40 27.21
N SER B 284 -5.91 18.92 28.03
CA SER B 284 -6.14 19.55 29.33
C SER B 284 -6.39 18.51 30.43
C1 MER C . 5.63 9.43 -11.75
C2 MER C . 1.66 9.36 -10.62
C3 MER C . 4.84 10.57 -11.13
C4 MER C . 3.87 9.96 -10.14
C5 MER C . 2.46 8.36 -10.97
O6 MER C . 5.55 9.16 -12.93
C7 MER C . 5.80 11.51 -10.43
O8 MER C . 5.05 12.57 -9.85
C9 MER C . 6.77 12.08 -11.44
N10 MER C . 3.71 8.61 -10.60
C11 MER C . 2.16 7.11 -11.64
O12 MER C . 1.12 6.93 -12.30
O13 MER C . 2.99 6.24 -11.52
S14 MER C . 0.00 9.30 -10.56
C15 MER C . -0.38 8.68 -8.95
C16 MER C . -1.63 9.32 -8.38
C17 MER C . -2.61 8.18 -8.12
C18 MER C . 2.45 10.54 -10.16
N19 MER C . -2.12 7.03 -8.90
C20 MER C . 2.23 11.69 -11.13
C21 MER C . -0.66 7.18 -9.01
C22 MER C . -4.00 8.60 -8.53
N23 MER C . -4.89 8.84 -7.56
O24 MER C . -4.27 8.76 -9.71
C25 MER C . -4.78 8.28 -6.22
C26 MER C . -6.04 9.69 -7.76
C1 EDO D . 12.94 13.14 -24.72
O1 EDO D . 13.95 13.89 -25.42
C2 EDO D . 11.60 13.26 -25.43
O2 EDO D . 11.21 14.64 -25.48
C1 EDO E . 11.62 -5.28 -33.91
O1 EDO E . 12.10 -6.57 -34.30
C2 EDO E . 10.32 -4.96 -34.64
O2 EDO E . 9.20 -5.60 -33.99
I IOD F . 15.69 0.99 -34.20
MG MG G . 11.86 20.48 7.10
C1 MER H . -14.21 -3.29 6.96
C2 MER H . -13.52 -0.59 3.87
C3 MER H . -14.71 -3.38 5.52
C4 MER H . -13.62 -2.83 4.61
C5 MER H . -12.90 -0.70 5.05
O6 MER H . -14.72 -2.54 7.77
C7 MER H . -15.01 -4.83 5.20
O8 MER H . -15.59 -4.94 3.90
C9 MER H . -16.00 -5.35 6.23
N10 MER H . -12.82 -1.95 5.43
C11 MER H . -12.37 0.33 5.93
O12 MER H . -13.01 1.36 6.18
O13 MER H . -11.26 0.14 6.43
S14 MER H . -13.64 0.73 2.84
C15 MER H . -12.53 0.43 1.50
C16 MER H . -12.82 1.35 0.32
C17 MER H . -11.56 2.19 0.14
C18 MER H . -14.11 -1.92 3.48
N19 MER H . -10.85 2.12 1.44
C20 MER H . -15.62 -1.80 3.34
C21 MER H . -11.12 0.78 1.96
C22 MER H . -11.90 3.59 -0.22
N23 MER H . -11.22 4.15 -1.23
O24 MER H . -12.77 4.19 0.41
C25 MER H . -11.06 5.59 -1.36
C26 MER H . -10.61 3.37 -2.30
C1 EDO I . -15.84 8.18 31.33
O1 EDO I . -14.66 8.98 31.09
C2 EDO I . -15.48 6.98 32.19
O2 EDO I . -14.27 7.22 32.92
C1 EDO J . -25.06 -3.43 18.11
O1 EDO J . -26.19 -3.64 17.27
C2 EDO J . -24.20 -4.69 18.10
O2 EDO J . -24.90 -5.73 18.81
I IOD K . -5.30 -0.14 -3.74
I IOD L . -2.44 5.74 -1.12
I IOD M . -11.55 -21.99 -10.36
#